data_2RFT
#
_entry.id   2RFT
#
_cell.length_a   98.328
_cell.length_b   98.328
_cell.length_c   135.988
_cell.angle_alpha   90.00
_cell.angle_beta   90.00
_cell.angle_gamma   120.00
#
_symmetry.space_group_name_H-M   'P 3 2 1'
#
loop_
_entity.id
_entity.type
_entity.pdbx_description
1 polymer 'Influenza B hemagglutinin (HA)'
2 polymer 'Influenza B hemagglutinin (HA)'
3 branched 2-acetamido-2-deoxy-beta-D-glucopyranose-(1-4)-2-acetamido-2-deoxy-beta-D-glucopyranose
4 branched 'N-acetyl-alpha-neuraminic acid-(2-3)-beta-D-galactopyranose-(1-3)-2-acetamido-2-deoxy-alpha-D-glucopyranose-(1-3)-beta-D-galactopyranose-(1-4)-beta-D-glucopyranose'
5 non-polymer 2-acetamido-2-deoxy-beta-D-glucopyranose
6 water water
#
loop_
_entity_poly.entity_id
_entity_poly.type
_entity_poly.pdbx_seq_one_letter_code
_entity_poly.pdbx_strand_id
1 'polypeptide(L)'
;DRICTGITSSNSPHVVKTATQGEVNVTGVIPLTTTPTKSHFANLKGTQTRGKLCPNCLNCTDLDVALGRPKCMGTIPSAK
ASILHEVKPVTSGCFPIMHDRTKIRQLPNLLRGYENIRLSARNVTNAETAPGGPYIVGTSGSCPNVTNGNGFFATMAWAV
PKNKTATNPLTVEVPYICTKGEDQITVWGFHSDDETQMVKLYGDSKPQKFTSSANGVTTHYVSQIGGFPNQAEDEGLPQS
GRIVVDYMVQKPGKTGTIAYQRGVLLPQKVWCASGRSKVIKGSLPLIGEADCLHEKYGGLNKSKPYYTGEHAKAIGNCPI
WVKTPLKLANGTKYRPPAKLLKER
;
A
2 'polypeptide(L)'
;GFFGAIAGFLEGGWEGMIAGWHGYTSHGAHGVAVAADLKSTQEAINKITKNLNSLSELEVKNLQRLSGAMDELHNEILEL
DEKVDDLRADTISSQIELAVLLSNEGIINSEDEHLLALERKLKKMLGPSAVDIGNGCFETKHKCNQTCLDRIAAGTFNAG
EFSLPTFDSLNITAAS
;
B
#
loop_
_chem_comp.id
_chem_comp.type
_chem_comp.name
_chem_comp.formula
BGC D-saccharide, beta linking beta-D-glucopyranose 'C6 H12 O6'
GAL D-saccharide, beta linking beta-D-galactopyranose 'C6 H12 O6'
NAG D-saccharide, beta linking 2-acetamido-2-deoxy-beta-D-glucopyranose 'C8 H15 N O6'
NDG D-saccharide, alpha linking 2-acetamido-2-deoxy-alpha-D-glucopyranose 'C8 H15 N O6'
SIA D-saccharide, alpha linking 'N-acetyl-alpha-neuraminic acid' 'C11 H19 N O9'
#
# COMPACT_ATOMS: atom_id res chain seq x y z
N ASP A 1 -2.42 -52.12 36.64
CA ASP A 1 -3.13 -51.48 35.49
C ASP A 1 -2.63 -50.04 35.31
N ARG A 2 -2.42 -49.65 34.06
CA ARG A 2 -1.90 -48.32 33.74
C ARG A 2 -2.95 -47.41 33.14
N ILE A 3 -3.02 -46.20 33.69
CA ILE A 3 -3.77 -45.10 33.10
C ILE A 3 -2.76 -44.00 32.78
N CYS A 4 -2.55 -43.72 31.49
CA CYS A 4 -1.53 -42.77 31.06
C CYS A 4 -2.12 -41.52 30.43
N THR A 5 -1.24 -40.54 30.23
CA THR A 5 -1.53 -39.36 29.45
C THR A 5 -0.96 -39.60 28.06
N GLY A 6 -1.70 -39.21 27.03
CA GLY A 6 -1.23 -39.35 25.67
C GLY A 6 -1.70 -38.23 24.79
N ILE A 7 -1.04 -38.07 23.64
CA ILE A 7 -1.51 -37.17 22.60
C ILE A 7 -1.91 -37.95 21.33
N THR A 8 -2.67 -37.28 20.47
CA THR A 8 -3.25 -37.92 19.30
C THR A 8 -2.23 -38.16 18.20
N SER A 9 -2.64 -39.00 17.26
CA SER A 9 -1.96 -39.18 15.97
C SER A 9 -3.01 -38.86 14.94
N SER A 10 -2.65 -38.08 13.93
CA SER A 10 -3.66 -37.67 12.97
C SER A 10 -3.05 -37.23 11.65
N ASN A 11 -3.94 -36.87 10.73
CA ASN A 11 -3.55 -36.32 9.46
C ASN A 11 -2.83 -35.01 9.73
N SER A 12 -1.56 -34.94 9.32
CA SER A 12 -0.69 -33.79 9.55
C SER A 12 0.04 -33.46 8.25
N PRO A 13 -0.71 -32.98 7.24
CA PRO A 13 -0.13 -32.65 5.95
C PRO A 13 0.67 -31.33 5.99
N HIS A 14 0.34 -30.46 6.94
CA HIS A 14 0.92 -29.12 6.99
C HIS A 14 2.26 -29.17 7.71
N VAL A 15 3.26 -28.51 7.14
CA VAL A 15 4.58 -28.41 7.73
C VAL A 15 4.77 -27.00 8.32
N VAL A 16 5.38 -26.91 9.49
CA VAL A 16 5.65 -25.62 10.12
C VAL A 16 7.12 -25.46 10.52
N LYS A 17 7.49 -24.20 10.74
CA LYS A 17 8.84 -23.78 11.10
C LYS A 17 9.00 -23.70 12.61
N THR A 18 10.12 -24.21 13.13
CA THR A 18 10.39 -24.23 14.57
C THR A 18 11.90 -24.13 14.80
N ALA A 19 12.31 -23.23 15.67
CA ALA A 19 13.74 -22.93 15.89
C ALA A 19 14.50 -24.10 16.48
N THR A 20 13.90 -24.74 17.47
CA THR A 20 14.51 -25.87 18.18
C THR A 20 14.44 -27.18 17.40
N GLN A 21 13.30 -27.45 16.76
CA GLN A 21 13.02 -28.76 16.19
C GLN A 21 13.14 -28.83 14.66
N GLY A 22 13.60 -27.76 14.02
CA GLY A 22 13.57 -27.68 12.55
C GLY A 22 12.15 -27.70 12.03
N GLU A 23 11.97 -28.10 10.77
CA GLU A 23 10.65 -28.08 10.15
C GLU A 23 9.81 -29.31 10.54
N VAL A 24 8.70 -29.07 11.23
CA VAL A 24 7.89 -30.14 11.79
C VAL A 24 6.51 -30.25 11.09
N ASN A 25 5.94 -31.46 11.11
CA ASN A 25 4.59 -31.70 10.57
C ASN A 25 3.54 -31.46 11.66
N VAL A 26 2.37 -30.95 11.28
CA VAL A 26 1.36 -30.52 12.27
C VAL A 26 -0.09 -30.86 11.87
N THR A 27 -0.87 -31.29 12.86
CA THR A 27 -2.28 -31.66 12.68
C THR A 27 -3.06 -30.67 11.84
N GLY A 28 -3.10 -29.41 12.28
CA GLY A 28 -3.79 -28.36 11.55
C GLY A 28 -3.02 -27.07 11.60
N VAL A 29 -3.36 -26.14 10.71
CA VAL A 29 -2.72 -24.83 10.67
C VAL A 29 -3.70 -23.74 10.27
N ILE A 30 -3.51 -22.56 10.83
CA ILE A 30 -4.30 -21.39 10.45
C ILE A 30 -3.42 -20.54 9.56
N PRO A 31 -3.73 -20.49 8.25
CA PRO A 31 -2.85 -19.76 7.35
C PRO A 31 -3.06 -18.25 7.52
N LEU A 32 -1.96 -17.50 7.44
CA LEU A 32 -1.96 -16.06 7.66
C LEU A 32 -1.70 -15.33 6.34
N THR A 33 -1.54 -16.11 5.28
CA THR A 33 -1.04 -15.64 3.99
C THR A 33 -2.08 -15.88 2.89
N THR A 34 -1.93 -15.13 1.80
CA THR A 34 -2.80 -15.24 0.65
C THR A 34 -2.06 -14.62 -0.53
N THR A 35 -2.33 -15.09 -1.74
CA THR A 35 -1.84 -14.42 -2.95
C THR A 35 -3.01 -13.75 -3.65
N PRO A 36 -3.21 -12.43 -3.41
CA PRO A 36 -4.35 -11.77 -4.05
C PRO A 36 -4.25 -11.85 -5.56
N THR A 37 -5.33 -11.52 -6.26
CA THR A 37 -5.36 -11.53 -7.72
C THR A 37 -5.59 -10.11 -8.25
N LYS A 38 -4.99 -9.84 -9.41
CA LYS A 38 -5.17 -8.56 -10.10
C LYS A 38 -6.64 -8.31 -10.36
N SER A 39 -7.20 -7.33 -9.65
CA SER A 39 -8.54 -6.80 -9.94
C SER A 39 -8.50 -5.28 -10.03
N HIS A 40 -9.60 -4.72 -10.50
CA HIS A 40 -9.71 -3.28 -10.75
C HIS A 40 -9.58 -2.45 -9.48
N PHE A 41 -9.37 -1.15 -9.66
CA PHE A 41 -9.20 -0.22 -8.55
C PHE A 41 -10.55 0.30 -8.10
N ALA A 42 -10.62 0.79 -6.87
CA ALA A 42 -11.87 1.24 -6.29
C ALA A 42 -11.67 2.39 -5.32
N ASN A 43 -12.73 2.76 -4.61
CA ASN A 43 -12.70 3.88 -3.68
C ASN A 43 -12.12 3.47 -2.32
N LEU A 44 -10.96 4.01 -1.97
CA LEU A 44 -10.38 3.73 -0.66
C LEU A 44 -11.37 4.13 0.44
N LYS A 45 -11.81 3.13 1.21
CA LYS A 45 -12.87 3.29 2.22
C LYS A 45 -12.79 4.57 3.08
N GLY A 46 -11.92 4.57 4.08
CA GLY A 46 -11.87 5.63 5.10
C GLY A 46 -11.51 7.03 4.66
N THR A 47 -10.98 7.17 3.45
CA THR A 47 -10.51 8.45 2.92
C THR A 47 -11.41 8.88 1.72
N GLN A 48 -10.86 9.50 0.66
CA GLN A 48 -11.63 9.90 -0.54
C GLN A 48 -10.72 9.88 -1.78
N THR A 49 -11.21 9.33 -2.90
CA THR A 49 -10.34 9.02 -4.02
C THR A 49 -10.40 10.03 -5.18
N ARG A 50 -9.30 10.11 -5.91
CA ARG A 50 -9.20 10.92 -7.11
C ARG A 50 -8.68 10.04 -8.24
N GLY A 51 -8.59 10.64 -9.42
CA GLY A 51 -8.06 10.00 -10.60
C GLY A 51 -8.27 10.98 -11.73
N LYS A 52 -9.44 11.60 -11.75
CA LYS A 52 -9.67 12.75 -12.58
C LYS A 52 -9.60 14.00 -11.73
N LEU A 53 -8.60 14.82 -12.02
CA LEU A 53 -8.41 16.10 -11.36
C LEU A 53 -9.74 16.81 -11.22
N CYS A 54 -10.57 16.68 -12.25
CA CYS A 54 -11.91 17.25 -12.21
C CYS A 54 -12.94 16.30 -12.82
N PRO A 55 -14.06 16.09 -12.11
CA PRO A 55 -15.20 15.38 -12.66
C PRO A 55 -16.14 16.23 -13.53
N ASN A 56 -16.57 17.39 -13.02
CA ASN A 56 -17.58 18.22 -13.72
C ASN A 56 -17.05 19.13 -14.85
N CYS A 57 -15.72 19.26 -15.00
CA CYS A 57 -15.15 19.79 -16.25
C CYS A 57 -14.76 18.61 -17.12
N LEU A 58 -15.81 17.95 -17.60
CA LEU A 58 -15.78 16.63 -18.20
C LEU A 58 -14.90 16.61 -19.45
N ASN A 59 -15.08 15.58 -20.29
CA ASN A 59 -14.35 15.42 -21.55
C ASN A 59 -13.10 16.29 -21.76
N CYS A 60 -12.01 15.92 -21.09
CA CYS A 60 -10.73 16.62 -21.17
C CYS A 60 -9.59 15.67 -20.81
N THR A 61 -8.37 16.20 -20.74
CA THR A 61 -7.27 15.49 -20.08
C THR A 61 -7.05 16.12 -18.72
N ASP A 62 -6.22 15.46 -17.91
CA ASP A 62 -5.76 16.04 -16.64
C ASP A 62 -4.85 17.21 -16.93
N LEU A 63 -3.94 17.01 -17.90
CA LEU A 63 -3.02 18.04 -18.37
C LEU A 63 -3.77 19.27 -18.89
N ASP A 64 -4.80 19.03 -19.70
CA ASP A 64 -5.66 20.10 -20.22
C ASP A 64 -6.17 20.96 -19.07
N VAL A 65 -6.69 20.31 -18.04
CA VAL A 65 -7.19 21.02 -16.86
C VAL A 65 -6.03 21.76 -16.16
N ALA A 66 -4.88 21.08 -16.06
CA ALA A 66 -3.68 21.68 -15.47
C ALA A 66 -3.33 22.96 -16.19
N LEU A 67 -3.29 22.89 -17.52
CA LEU A 67 -2.91 24.02 -18.35
C LEU A 67 -3.93 25.17 -18.39
N GLY A 68 -5.15 24.93 -17.91
CA GLY A 68 -6.16 25.99 -17.84
C GLY A 68 -6.88 26.20 -19.15
N ARG A 69 -7.10 25.10 -19.87
CA ARG A 69 -7.81 25.12 -21.16
C ARG A 69 -9.25 25.64 -20.96
N PRO A 70 -9.78 26.44 -21.94
CA PRO A 70 -11.06 27.17 -21.82
C PRO A 70 -12.25 26.42 -21.22
N LYS A 71 -12.63 25.27 -21.80
CA LYS A 71 -13.78 24.50 -21.30
C LYS A 71 -13.41 23.59 -20.12
N CYS A 72 -12.13 23.23 -20.02
CA CYS A 72 -11.66 22.32 -18.97
C CYS A 72 -11.32 23.08 -17.69
N MET A 73 -12.32 23.72 -17.09
CA MET A 73 -12.09 24.58 -15.92
C MET A 73 -13.17 24.39 -14.85
N GLY A 74 -13.11 23.23 -14.20
CA GLY A 74 -14.09 22.82 -13.20
C GLY A 74 -13.55 23.03 -11.79
N THR A 75 -14.39 23.54 -10.91
CA THR A 75 -14.02 23.82 -9.52
C THR A 75 -13.78 22.49 -8.79
N ILE A 76 -12.50 22.14 -8.61
CA ILE A 76 -12.15 20.78 -8.21
C ILE A 76 -11.71 20.59 -6.75
N PRO A 77 -12.30 19.56 -6.11
CA PRO A 77 -12.42 19.29 -4.69
C PRO A 77 -11.14 18.84 -4.03
N SER A 78 -11.27 17.87 -3.12
CA SER A 78 -10.16 17.30 -2.42
C SER A 78 -10.23 15.79 -2.50
N ALA A 79 -9.14 15.17 -2.09
CA ALA A 79 -9.08 13.76 -1.80
C ALA A 79 -8.12 13.66 -0.65
N LYS A 80 -7.84 12.44 -0.22
CA LYS A 80 -6.67 12.16 0.59
C LYS A 80 -6.06 10.87 0.07
N ALA A 81 -6.63 10.40 -1.04
CA ALA A 81 -6.15 9.26 -1.79
C ALA A 81 -6.26 9.66 -3.24
N SER A 82 -5.20 9.42 -4.01
CA SER A 82 -5.20 9.77 -5.44
C SER A 82 -4.65 8.63 -6.27
N ILE A 83 -5.17 8.45 -7.48
CA ILE A 83 -4.66 7.42 -8.38
C ILE A 83 -3.90 8.08 -9.55
N LEU A 84 -2.71 7.57 -9.85
CA LEU A 84 -1.90 8.08 -10.95
C LEU A 84 -2.06 7.12 -12.13
N HIS A 85 -2.88 7.53 -13.10
CA HIS A 85 -3.28 6.62 -14.19
C HIS A 85 -2.49 6.79 -15.47
N GLU A 86 -2.06 8.02 -15.76
CA GLU A 86 -1.18 8.27 -16.90
C GLU A 86 0.19 8.73 -16.40
N VAL A 87 1.20 7.88 -16.61
CA VAL A 87 2.57 8.19 -16.19
C VAL A 87 3.14 9.37 -17.00
N LYS A 88 2.71 9.48 -18.25
CA LYS A 88 3.11 10.55 -19.15
C LYS A 88 1.85 11.08 -19.82
N PRO A 89 1.17 12.05 -19.17
CA PRO A 89 -0.15 12.44 -19.62
C PRO A 89 -0.10 13.22 -20.93
N VAL A 90 -1.24 13.25 -21.62
CA VAL A 90 -1.32 13.85 -22.95
C VAL A 90 -2.29 15.02 -22.90
N THR A 91 -2.16 15.92 -23.87
CA THR A 91 -3.09 17.05 -24.03
C THR A 91 -4.14 16.64 -25.04
N SER A 92 -5.32 17.25 -24.98
CA SER A 92 -6.37 16.96 -25.96
C SER A 92 -6.74 18.20 -26.77
N GLY A 93 -5.72 18.88 -27.29
CA GLY A 93 -5.93 19.94 -28.26
C GLY A 93 -5.44 21.30 -27.81
N CYS A 94 -6.25 22.32 -28.07
CA CYS A 94 -5.83 23.70 -27.91
C CYS A 94 -4.60 23.96 -28.78
N PHE A 95 -3.86 25.02 -28.48
CA PHE A 95 -2.67 25.37 -29.25
C PHE A 95 -1.62 24.26 -29.13
N PRO A 96 -1.00 23.85 -30.25
CA PRO A 96 0.03 22.80 -30.25
C PRO A 96 1.23 23.10 -29.34
N ILE A 97 1.47 22.21 -28.39
CA ILE A 97 2.60 22.33 -27.48
C ILE A 97 3.71 21.42 -27.94
N MET A 98 4.95 21.86 -27.75
CA MET A 98 6.10 20.98 -27.86
C MET A 98 6.37 20.45 -26.47
N HIS A 99 5.62 19.41 -26.11
CA HIS A 99 5.59 18.89 -24.74
C HIS A 99 6.97 18.49 -24.24
N ASP A 100 7.70 17.73 -25.05
CA ASP A 100 8.91 17.04 -24.58
C ASP A 100 10.11 17.93 -24.23
N ARG A 101 10.02 19.24 -24.43
CA ARG A 101 11.16 20.12 -24.14
C ARG A 101 11.15 20.72 -22.74
N THR A 102 10.21 20.28 -21.90
CA THR A 102 10.14 20.72 -20.51
C THR A 102 9.52 19.66 -19.62
N LYS A 103 9.50 19.91 -18.32
CA LYS A 103 8.91 18.98 -17.35
C LYS A 103 7.38 19.09 -17.26
N ILE A 104 6.78 19.89 -18.15
CA ILE A 104 5.37 20.29 -18.05
C ILE A 104 4.39 19.13 -18.01
N ARG A 105 4.72 18.04 -18.70
CA ARG A 105 3.83 16.87 -18.75
C ARG A 105 3.38 16.40 -17.35
N GLN A 106 4.30 16.43 -16.40
CA GLN A 106 4.04 15.88 -15.07
C GLN A 106 3.23 16.82 -14.18
N LEU A 107 2.96 18.05 -14.65
CA LEU A 107 2.24 19.04 -13.85
C LEU A 107 0.98 18.51 -13.13
N PRO A 108 0.12 17.72 -13.81
CA PRO A 108 -1.02 17.14 -13.12
C PRO A 108 -0.59 16.22 -11.99
N ASN A 109 0.32 15.31 -12.30
CA ASN A 109 0.86 14.35 -11.33
C ASN A 109 1.45 15.02 -10.11
N LEU A 110 2.00 16.22 -10.29
CA LEU A 110 2.47 17.03 -9.18
C LEU A 110 1.29 17.53 -8.37
N LEU A 111 0.33 18.17 -9.07
CA LEU A 111 -0.87 18.71 -8.45
C LEU A 111 -1.61 17.64 -7.64
N ARG A 112 -1.86 16.51 -8.30
CA ARG A 112 -2.45 15.32 -7.69
C ARG A 112 -1.91 15.03 -6.28
N GLY A 113 -0.61 15.28 -6.10
CA GLY A 113 0.07 15.10 -4.82
C GLY A 113 -0.53 15.85 -3.65
N TYR A 114 -1.21 16.96 -3.91
CA TYR A 114 -1.86 17.76 -2.86
C TYR A 114 -3.31 17.36 -2.58
N GLU A 115 -3.76 17.65 -1.36
CA GLU A 115 -5.15 17.42 -0.96
C GLU A 115 -6.04 18.48 -1.58
N ASN A 116 -5.72 19.74 -1.27
CA ASN A 116 -6.47 20.90 -1.74
C ASN A 116 -5.79 21.55 -2.92
N ILE A 117 -6.54 21.71 -4.02
CA ILE A 117 -6.06 22.44 -5.20
C ILE A 117 -7.14 23.44 -5.66
N ARG A 118 -6.73 24.51 -6.34
CA ARG A 118 -7.68 25.51 -6.84
C ARG A 118 -7.16 26.33 -8.03
N LEU A 119 -7.97 26.42 -9.10
CA LEU A 119 -7.64 27.15 -10.35
C LEU A 119 -6.97 28.50 -10.10
N SER A 120 -7.62 29.36 -9.31
CA SER A 120 -7.10 30.68 -9.00
C SER A 120 -8.07 31.54 -8.21
N ALA A 121 -7.50 32.56 -7.57
CA ALA A 121 -8.26 33.62 -6.96
C ALA A 121 -7.59 34.94 -7.39
N ARG A 122 -7.65 35.18 -8.72
CA ARG A 122 -7.02 36.33 -9.44
C ARG A 122 -6.33 35.89 -10.75
N ASN A 123 -5.28 36.64 -11.14
CA ASN A 123 -4.24 36.24 -12.11
C ASN A 123 -2.97 37.08 -11.85
N VAL A 124 -1.80 36.43 -11.73
CA VAL A 124 -0.56 37.09 -11.30
C VAL A 124 0.24 37.63 -12.48
N THR A 125 0.43 38.95 -12.46
CA THR A 125 1.09 39.75 -13.52
C THR A 125 0.06 40.34 -14.49
N ASN A 126 0.15 41.66 -14.63
CA ASN A 126 -0.65 42.42 -15.55
C ASN A 126 -0.16 42.14 -16.96
N ALA A 127 -0.95 41.42 -17.76
CA ALA A 127 -0.53 41.07 -19.12
C ALA A 127 -0.27 42.32 -19.96
N GLU A 128 -1.08 43.35 -19.79
CA GLU A 128 -0.94 44.60 -20.56
C GLU A 128 0.28 45.39 -20.13
N THR A 129 0.34 45.69 -18.83
CA THR A 129 1.39 46.52 -18.27
C THR A 129 2.72 45.77 -18.01
N ALA A 130 2.82 44.53 -18.50
CA ALA A 130 4.02 43.74 -18.29
C ALA A 130 5.23 44.45 -18.88
N PRO A 131 6.41 44.36 -18.22
CA PRO A 131 7.63 44.89 -18.80
C PRO A 131 7.82 44.44 -20.25
N GLY A 132 8.47 45.27 -21.04
CA GLY A 132 8.37 45.17 -22.49
C GLY A 132 7.18 46.04 -22.89
N GLY A 133 6.98 46.23 -24.19
CA GLY A 133 5.96 47.17 -24.65
C GLY A 133 4.57 46.79 -24.14
N PRO A 134 3.61 47.73 -24.23
CA PRO A 134 2.24 47.35 -23.95
C PRO A 134 1.83 46.18 -24.83
N TYR A 135 1.17 45.18 -24.23
CA TYR A 135 0.83 43.97 -24.94
C TYR A 135 -0.65 43.94 -25.16
N ILE A 136 -1.04 43.33 -26.27
CA ILE A 136 -2.41 42.96 -26.48
C ILE A 136 -2.46 41.48 -26.18
N VAL A 137 -3.21 41.13 -25.13
CA VAL A 137 -3.33 39.76 -24.68
C VAL A 137 -3.86 38.90 -25.81
N GLY A 138 -2.93 38.38 -26.58
CA GLY A 138 -3.23 37.52 -27.69
C GLY A 138 -4.18 36.41 -27.30
N THR A 139 -5.04 36.07 -28.23
CA THR A 139 -5.93 34.95 -28.08
C THR A 139 -5.85 34.22 -29.39
N SER A 140 -6.20 32.96 -29.36
CA SER A 140 -6.04 32.16 -30.54
C SER A 140 -7.16 31.18 -30.71
N GLY A 141 -7.66 31.09 -31.95
CA GLY A 141 -8.50 29.98 -32.32
C GLY A 141 -7.62 28.78 -32.04
N SER A 142 -8.08 27.59 -32.42
CA SER A 142 -7.39 26.36 -32.03
C SER A 142 -7.58 26.12 -30.55
N CYS A 143 -8.24 27.06 -29.89
CA CYS A 143 -8.58 26.98 -28.48
C CYS A 143 -9.94 27.65 -28.31
N PRO A 144 -11.02 27.00 -28.77
CA PRO A 144 -12.38 27.52 -28.63
C PRO A 144 -12.75 28.05 -27.24
N ASN A 145 -13.91 28.68 -27.14
CA ASN A 145 -14.43 29.26 -25.89
C ASN A 145 -15.71 28.49 -25.50
N VAL A 146 -16.37 28.88 -24.42
CA VAL A 146 -17.72 28.41 -24.11
C VAL A 146 -18.67 28.79 -25.25
N THR A 147 -18.35 29.90 -25.92
CA THR A 147 -19.11 30.47 -27.03
C THR A 147 -18.43 30.36 -28.41
N ASN A 148 -17.22 29.80 -28.47
CA ASN A 148 -16.34 29.86 -29.65
C ASN A 148 -15.69 31.23 -29.76
N GLY A 149 -14.48 31.26 -30.30
CA GLY A 149 -13.74 32.49 -30.47
C GLY A 149 -12.28 32.13 -30.62
N ASN A 150 -11.47 32.60 -29.69
CA ASN A 150 -10.07 32.24 -29.66
C ASN A 150 -9.65 32.08 -28.20
N GLY A 151 -9.03 30.95 -27.87
CA GLY A 151 -8.69 30.64 -26.48
C GLY A 151 -7.21 30.62 -26.20
N PHE A 152 -6.87 30.88 -24.96
CA PHE A 152 -5.51 30.72 -24.53
C PHE A 152 -5.46 30.51 -23.04
N PHE A 153 -5.42 29.23 -22.67
CA PHE A 153 -5.07 28.78 -21.33
C PHE A 153 -5.24 29.85 -20.25
N ALA A 154 -6.29 29.76 -19.44
CA ALA A 154 -6.45 30.66 -18.31
C ALA A 154 -5.10 30.86 -17.65
N THR A 155 -4.39 29.75 -17.48
CA THR A 155 -2.99 29.72 -17.03
C THR A 155 -2.12 30.90 -17.44
N MET A 156 -2.04 31.14 -18.75
CA MET A 156 -1.05 32.08 -19.28
C MET A 156 -1.57 33.10 -20.32
N ALA A 157 -0.91 34.26 -20.35
CA ALA A 157 -1.23 35.34 -21.28
C ALA A 157 -0.29 35.35 -22.47
N TRP A 158 -0.88 35.38 -23.66
CA TRP A 158 -0.19 35.34 -24.97
C TRP A 158 0.28 36.76 -25.30
N ALA A 159 1.31 37.26 -24.60
CA ALA A 159 1.72 38.67 -24.69
C ALA A 159 2.28 39.07 -26.06
N VAL A 160 1.39 39.45 -26.96
CA VAL A 160 1.78 39.89 -28.31
C VAL A 160 1.96 41.40 -28.31
N PRO A 161 3.14 41.89 -28.72
CA PRO A 161 3.50 43.29 -28.58
C PRO A 161 3.12 44.17 -29.76
N LYS A 162 2.28 45.17 -29.49
CA LYS A 162 2.15 46.30 -30.38
C LYS A 162 3.41 47.12 -30.19
N ASN A 163 3.75 47.92 -31.19
CA ASN A 163 5.12 48.44 -31.32
C ASN A 163 6.09 47.26 -31.47
N LYS A 164 6.07 46.66 -32.65
CA LYS A 164 6.84 45.47 -32.95
C LYS A 164 8.34 45.76 -33.04
N THR A 165 9.10 45.28 -32.05
CA THR A 165 10.54 45.57 -31.96
C THR A 165 11.30 44.49 -31.17
N ALA A 166 12.56 44.27 -31.54
CA ALA A 166 13.44 43.35 -30.81
C ALA A 166 13.71 43.89 -29.39
N THR A 167 13.95 42.98 -28.45
CA THR A 167 14.02 43.33 -27.03
C THR A 167 15.15 42.60 -26.33
N ASN A 168 15.97 43.34 -25.61
CA ASN A 168 16.91 42.74 -24.68
C ASN A 168 16.11 42.14 -23.53
N PRO A 169 16.57 41.02 -22.97
CA PRO A 169 15.84 40.33 -21.90
C PRO A 169 15.19 41.26 -20.88
N LEU A 170 13.90 41.05 -20.65
CA LEU A 170 13.12 41.80 -19.66
C LEU A 170 12.82 40.85 -18.51
N THR A 171 12.78 41.37 -17.28
CA THR A 171 12.49 40.55 -16.11
C THR A 171 11.12 40.86 -15.50
N VAL A 172 10.27 39.84 -15.39
CA VAL A 172 9.08 39.91 -14.55
C VAL A 172 9.46 39.30 -13.20
N GLU A 173 8.66 39.58 -12.16
CA GLU A 173 8.92 39.06 -10.83
C GLU A 173 7.64 38.44 -10.26
N VAL A 174 7.38 37.20 -10.65
CA VAL A 174 6.13 36.49 -10.33
C VAL A 174 5.95 36.32 -8.81
N PRO A 175 5.05 37.11 -8.19
CA PRO A 175 4.93 37.10 -6.73
C PRO A 175 4.15 35.92 -6.18
N TYR A 176 4.17 35.76 -4.86
CA TYR A 176 3.56 34.60 -4.21
C TYR A 176 2.06 34.46 -4.46
N ILE A 177 1.25 35.44 -4.06
CA ILE A 177 -0.16 35.52 -4.44
C ILE A 177 -1.17 34.66 -3.67
N CYS A 178 -0.73 33.63 -2.95
CA CYS A 178 -1.70 32.64 -2.42
C CYS A 178 -2.10 32.85 -0.97
N THR A 179 -3.19 32.14 -0.63
CA THR A 179 -3.74 32.11 0.71
C THR A 179 -3.01 31.05 1.50
N LYS A 180 -3.06 31.16 2.82
CA LYS A 180 -2.57 30.11 3.71
C LYS A 180 -1.09 29.78 3.44
N GLY A 181 -0.65 28.64 3.96
CA GLY A 181 0.67 28.10 3.65
C GLY A 181 0.62 27.15 2.47
N GLU A 182 -0.16 27.51 1.46
CA GLU A 182 -0.25 26.71 0.26
C GLU A 182 1.02 26.87 -0.55
N ASP A 183 1.13 26.05 -1.58
CA ASP A 183 2.16 26.23 -2.58
C ASP A 183 1.53 26.93 -3.74
N GLN A 184 2.37 27.55 -4.56
CA GLN A 184 1.91 28.08 -5.82
C GLN A 184 2.61 27.33 -6.93
N ILE A 185 1.84 26.90 -7.93
CA ILE A 185 2.40 26.37 -9.16
C ILE A 185 2.12 27.39 -10.26
N THR A 186 3.14 28.17 -10.63
CA THR A 186 3.03 29.10 -11.74
C THR A 186 3.30 28.39 -13.03
N VAL A 187 2.54 28.72 -14.07
CA VAL A 187 2.72 28.13 -15.39
C VAL A 187 3.01 29.24 -16.42
N TRP A 188 3.90 28.96 -17.36
CA TRP A 188 4.27 29.97 -18.36
C TRP A 188 4.89 29.31 -19.57
N GLY A 189 5.33 30.11 -20.54
CA GLY A 189 5.92 29.55 -21.74
C GLY A 189 6.25 30.61 -22.77
N PHE A 190 6.58 30.16 -23.97
CA PHE A 190 6.88 31.08 -25.05
C PHE A 190 6.43 30.51 -26.39
N HIS A 191 5.77 31.36 -27.17
CA HIS A 191 5.34 31.03 -28.51
C HIS A 191 6.48 31.34 -29.46
N SER A 192 6.62 30.48 -30.46
CA SER A 192 7.53 30.72 -31.55
C SER A 192 6.84 30.34 -32.85
N ASP A 193 7.35 30.89 -33.95
CA ASP A 193 6.72 30.73 -35.23
C ASP A 193 7.76 30.77 -36.33
N ASP A 194 7.30 30.61 -37.57
CA ASP A 194 8.21 30.67 -38.72
C ASP A 194 8.77 32.08 -38.96
N GLU A 195 9.86 32.14 -39.71
CA GLU A 195 10.58 33.39 -40.00
C GLU A 195 9.63 34.57 -40.19
N THR A 196 8.72 34.42 -41.18
CA THR A 196 7.85 35.50 -41.63
C THR A 196 6.86 35.92 -40.55
N GLN A 197 6.25 34.93 -39.92
CA GLN A 197 5.20 35.17 -38.93
C GLN A 197 5.77 35.78 -37.67
N MET A 198 7.05 35.52 -37.41
CA MET A 198 7.72 36.05 -36.25
C MET A 198 7.86 37.56 -36.37
N VAL A 199 8.32 38.03 -37.54
CA VAL A 199 8.45 39.47 -37.82
C VAL A 199 7.09 40.18 -37.80
N LYS A 200 6.08 39.49 -38.34
CA LYS A 200 4.69 39.96 -38.29
C LYS A 200 4.20 40.25 -36.88
N LEU A 201 4.13 39.23 -36.03
CA LEU A 201 3.57 39.37 -34.68
C LEU A 201 4.51 40.12 -33.73
N TYR A 202 5.81 39.81 -33.79
CA TYR A 202 6.84 40.54 -33.02
C TYR A 202 7.96 41.04 -33.92
N GLY A 203 8.51 42.21 -33.64
CA GLY A 203 9.53 42.81 -34.51
C GLY A 203 10.93 42.19 -34.37
N ASP A 204 11.04 40.92 -34.75
CA ASP A 204 12.29 40.14 -34.64
C ASP A 204 12.06 38.75 -35.21
N SER A 205 13.05 38.18 -35.88
CA SER A 205 12.88 36.85 -36.49
C SER A 205 14.03 35.91 -36.16
N LYS A 206 14.56 36.02 -34.96
CA LYS A 206 15.68 35.18 -34.55
C LYS A 206 15.39 34.49 -33.22
N PRO A 207 16.09 33.38 -32.94
CA PRO A 207 15.92 32.63 -31.70
C PRO A 207 15.84 33.55 -30.47
N GLN A 208 14.82 33.32 -29.66
CA GLN A 208 14.53 34.15 -28.49
C GLN A 208 14.87 33.37 -27.24
N LYS A 209 15.52 34.03 -26.29
CA LYS A 209 16.04 33.38 -25.10
C LYS A 209 15.11 33.63 -23.90
N PHE A 210 14.98 32.62 -23.02
CA PHE A 210 14.09 32.69 -21.85
C PHE A 210 14.69 31.95 -20.66
N THR A 211 14.75 32.63 -19.51
CA THR A 211 15.39 32.13 -18.31
C THR A 211 14.48 32.35 -17.11
N SER A 212 14.26 31.31 -16.31
CA SER A 212 13.46 31.45 -15.07
C SER A 212 14.26 31.06 -13.83
N SER A 213 13.89 31.66 -12.69
CA SER A 213 14.52 31.37 -11.41
C SER A 213 13.48 31.26 -10.31
N ALA A 214 13.44 30.12 -9.63
CA ALA A 214 12.51 29.92 -8.53
C ALA A 214 13.07 28.88 -7.56
N ASN A 215 13.00 29.18 -6.28
CA ASN A 215 13.62 28.39 -5.22
C ASN A 215 15.03 27.87 -5.57
N GLY A 216 15.88 28.79 -6.03
CA GLY A 216 17.26 28.46 -6.37
C GLY A 216 17.43 27.62 -7.62
N VAL A 217 16.34 27.29 -8.31
CA VAL A 217 16.43 26.46 -9.49
C VAL A 217 16.27 27.31 -10.75
N THR A 218 17.27 27.25 -11.62
CA THR A 218 17.31 28.03 -12.86
C THR A 218 17.07 27.15 -14.09
N THR A 219 16.28 27.65 -15.03
CA THR A 219 16.08 26.99 -16.31
C THR A 219 16.27 28.03 -17.40
N HIS A 220 16.73 27.58 -18.57
CA HIS A 220 17.03 28.48 -19.68
C HIS A 220 16.65 27.85 -21.01
N TYR A 221 15.91 28.60 -21.83
CA TYR A 221 15.36 28.12 -23.10
C TYR A 221 15.78 29.01 -24.25
N VAL A 222 15.82 28.42 -25.44
CA VAL A 222 16.14 29.14 -26.67
C VAL A 222 15.12 28.70 -27.69
N SER A 223 14.38 29.66 -28.25
CA SER A 223 13.27 29.32 -29.14
C SER A 223 13.75 28.77 -30.48
N GLN A 224 12.86 28.01 -31.12
CA GLN A 224 13.10 27.47 -32.44
C GLN A 224 12.22 28.26 -33.39
N ILE A 225 12.74 28.55 -34.58
CA ILE A 225 12.00 29.34 -35.56
C ILE A 225 11.45 28.48 -36.69
N GLY A 226 12.29 27.63 -37.25
CA GLY A 226 11.89 26.80 -38.38
C GLY A 226 11.58 25.36 -38.04
N GLY A 227 11.03 24.66 -39.03
CA GLY A 227 10.83 23.21 -39.00
C GLY A 227 10.39 22.67 -37.65
N PHE A 228 9.22 23.11 -37.19
CA PHE A 228 8.66 22.59 -35.97
C PHE A 228 8.22 21.14 -36.15
N PRO A 229 8.12 20.38 -35.06
CA PRO A 229 7.80 18.97 -35.18
C PRO A 229 6.38 18.68 -35.63
N ASN A 230 6.24 17.62 -36.44
CA ASN A 230 4.95 17.14 -36.90
C ASN A 230 3.91 17.27 -35.79
N GLN A 231 3.14 18.34 -35.86
CA GLN A 231 2.04 18.60 -34.93
C GLN A 231 1.31 17.36 -34.42
N ALA A 232 1.14 17.32 -33.10
CA ALA A 232 0.45 16.22 -32.42
C ALA A 232 -0.11 16.76 -31.10
N GLU A 233 -1.14 16.08 -30.59
CA GLU A 233 -1.83 16.54 -29.37
C GLU A 233 -2.32 17.98 -29.51
N ASP A 234 -2.97 18.25 -30.64
CA ASP A 234 -3.41 19.58 -31.03
C ASP A 234 -4.86 19.54 -31.53
N GLU A 235 -5.28 20.57 -32.27
CA GLU A 235 -6.58 20.57 -32.93
C GLU A 235 -6.46 20.75 -34.45
N GLY A 236 -6.33 22.01 -34.90
CA GLY A 236 -6.44 22.32 -36.34
C GLY A 236 -5.72 23.54 -36.87
N LEU A 237 -4.43 23.34 -37.18
CA LEU A 237 -3.65 24.18 -38.12
C LEU A 237 -3.45 25.71 -37.88
N PRO A 238 -2.97 26.11 -36.69
CA PRO A 238 -2.11 27.29 -36.59
C PRO A 238 -0.68 26.79 -36.63
N GLN A 239 -0.49 25.82 -37.53
CA GLN A 239 0.70 24.99 -37.63
C GLN A 239 1.95 25.78 -37.94
N SER A 240 1.79 27.04 -38.32
CA SER A 240 2.94 27.90 -38.47
C SER A 240 3.83 27.80 -37.23
N GLY A 241 3.21 27.78 -36.05
CA GLY A 241 3.97 27.80 -34.80
C GLY A 241 3.54 26.83 -33.70
N ARG A 242 4.32 26.88 -32.62
CA ARG A 242 4.12 26.03 -31.46
C ARG A 242 4.41 26.78 -30.16
N ILE A 243 4.01 26.18 -29.04
CA ILE A 243 4.26 26.70 -27.71
C ILE A 243 5.15 25.73 -26.93
N VAL A 244 6.23 26.24 -26.33
CA VAL A 244 6.95 25.50 -25.30
C VAL A 244 6.47 26.06 -23.96
N VAL A 245 6.00 25.19 -23.07
CA VAL A 245 5.42 25.57 -21.79
C VAL A 245 6.16 24.90 -20.64
N ASP A 246 6.25 25.60 -19.51
CA ASP A 246 6.95 25.11 -18.33
C ASP A 246 6.22 25.58 -17.09
N TYR A 247 6.47 24.91 -15.96
CA TYR A 247 5.90 25.33 -14.70
C TYR A 247 6.98 25.65 -13.65
N MET A 248 6.55 26.38 -12.63
CA MET A 248 7.45 26.94 -11.63
C MET A 248 6.78 26.77 -10.28
N VAL A 249 7.43 26.07 -9.35
CA VAL A 249 6.81 25.80 -8.05
C VAL A 249 7.29 26.82 -7.02
N GLN A 250 6.36 27.66 -6.58
CA GLN A 250 6.65 28.66 -5.58
C GLN A 250 6.15 28.18 -4.22
N LYS A 251 7.11 27.93 -3.32
CA LYS A 251 6.81 27.57 -1.93
C LYS A 251 6.31 28.81 -1.19
N PRO A 252 5.67 28.62 -0.02
CA PRO A 252 4.99 29.73 0.64
C PRO A 252 5.90 30.93 0.89
N GLY A 253 5.46 32.09 0.41
CA GLY A 253 6.11 33.36 0.68
C GLY A 253 7.23 33.71 -0.28
N LYS A 254 7.42 32.89 -1.32
CA LYS A 254 8.58 33.05 -2.21
C LYS A 254 8.22 33.57 -3.60
N THR A 255 9.15 34.35 -4.15
CA THR A 255 8.98 35.03 -5.42
C THR A 255 9.74 34.33 -6.55
N GLY A 256 9.08 34.22 -7.71
CA GLY A 256 9.69 33.68 -8.93
C GLY A 256 10.13 34.80 -9.87
N THR A 257 10.99 34.49 -10.83
CA THR A 257 11.57 35.50 -11.72
C THR A 257 11.77 34.94 -13.13
N ILE A 258 11.04 35.50 -14.10
CA ILE A 258 11.15 35.10 -15.51
C ILE A 258 11.81 36.21 -16.30
N ALA A 259 12.99 35.94 -16.86
CA ALA A 259 13.62 36.82 -17.83
C ALA A 259 13.22 36.33 -19.22
N TYR A 260 12.78 37.22 -20.08
CA TYR A 260 12.11 36.82 -21.32
C TYR A 260 12.28 37.84 -22.42
N GLN A 261 11.84 37.47 -23.63
CA GLN A 261 11.91 38.35 -24.80
C GLN A 261 10.59 38.37 -25.58
N ARG A 262 10.55 37.73 -26.74
CA ARG A 262 9.41 37.82 -27.65
C ARG A 262 8.79 36.46 -27.90
N GLY A 263 7.47 36.40 -27.75
CA GLY A 263 6.73 35.14 -27.73
C GLY A 263 6.33 34.74 -26.32
N VAL A 264 6.69 35.58 -25.35
CA VAL A 264 6.46 35.29 -23.94
C VAL A 264 4.97 35.09 -23.64
N LEU A 265 4.64 33.86 -23.24
CA LEU A 265 3.33 33.54 -22.71
C LEU A 265 3.44 33.76 -21.20
N LEU A 266 3.22 35.00 -20.78
CA LEU A 266 3.34 35.36 -19.37
C LEU A 266 2.42 34.47 -18.53
N PRO A 267 2.73 34.32 -17.23
CA PRO A 267 1.80 33.60 -16.36
C PRO A 267 0.62 34.49 -16.09
N GLN A 268 -0.49 33.89 -15.68
CA GLN A 268 -1.68 34.64 -15.27
C GLN A 268 -2.37 33.93 -14.12
N LYS A 269 -3.28 33.02 -14.43
CA LYS A 269 -3.95 32.26 -13.38
C LYS A 269 -3.01 31.19 -12.84
N VAL A 270 -2.78 31.27 -11.54
CA VAL A 270 -1.77 30.47 -10.89
C VAL A 270 -2.43 29.57 -9.86
N TRP A 271 -2.04 28.29 -9.85
CA TRP A 271 -2.56 27.32 -8.90
C TRP A 271 -2.10 27.62 -7.48
N CYS A 272 -2.99 27.44 -6.52
CA CYS A 272 -2.58 27.29 -5.14
C CYS A 272 -3.03 25.91 -4.66
N ALA A 273 -2.10 25.14 -4.10
CA ALA A 273 -2.37 23.79 -3.64
C ALA A 273 -1.80 23.56 -2.25
N SER A 274 -2.53 22.78 -1.44
CA SER A 274 -2.13 22.52 -0.06
C SER A 274 -2.57 21.14 0.40
N GLY A 275 -1.96 20.69 1.49
CA GLY A 275 -2.23 19.38 2.02
C GLY A 275 -1.47 18.32 1.24
N ARG A 276 -1.54 17.09 1.73
CA ARG A 276 -0.85 15.98 1.12
C ARG A 276 -1.87 14.88 0.92
N SER A 277 -2.05 14.48 -0.33
CA SER A 277 -2.88 13.34 -0.66
C SER A 277 -1.98 12.14 -0.93
N LYS A 278 -2.43 10.96 -0.51
CA LYS A 278 -1.68 9.73 -0.74
C LYS A 278 -1.91 9.23 -2.16
N VAL A 279 -0.83 9.16 -2.94
CA VAL A 279 -0.88 8.87 -4.36
C VAL A 279 -0.32 7.47 -4.64
N ILE A 280 -0.81 6.85 -5.70
CA ILE A 280 -0.39 5.50 -6.11
C ILE A 280 -0.66 5.30 -7.62
N LYS A 281 0.16 4.49 -8.29
CA LYS A 281 -0.05 4.19 -9.72
C LYS A 281 -1.22 3.21 -9.93
N GLY A 282 -2.25 3.64 -10.65
CA GLY A 282 -3.43 2.80 -10.88
C GLY A 282 -4.03 2.92 -12.27
N SER A 283 -5.19 2.29 -12.45
CA SER A 283 -5.95 2.33 -13.70
C SER A 283 -7.35 2.83 -13.36
N LEU A 284 -7.89 3.74 -14.17
CA LEU A 284 -8.99 4.60 -13.70
C LEU A 284 -10.35 4.55 -14.39
N PRO A 285 -11.04 3.41 -14.35
CA PRO A 285 -12.48 3.41 -14.11
C PRO A 285 -12.72 2.91 -12.69
N LEU A 286 -12.92 3.81 -11.72
CA LEU A 286 -12.97 3.42 -10.30
C LEU A 286 -14.32 2.79 -9.91
N ILE A 287 -14.36 1.46 -9.92
CA ILE A 287 -15.59 0.69 -9.69
C ILE A 287 -15.76 0.25 -8.24
N GLY A 288 -16.75 0.83 -7.57
CA GLY A 288 -17.14 0.39 -6.23
C GLY A 288 -16.12 0.73 -5.17
N GLU A 289 -15.89 -0.21 -4.24
CA GLU A 289 -14.97 0.05 -3.15
C GLU A 289 -14.15 -1.16 -2.70
N ALA A 290 -12.98 -0.84 -2.12
CA ALA A 290 -12.09 -1.82 -1.51
C ALA A 290 -11.62 -1.27 -0.17
N ASP A 291 -10.81 -2.07 0.53
CA ASP A 291 -10.23 -1.68 1.82
C ASP A 291 -8.86 -1.05 1.62
N CYS A 292 -8.15 -1.52 0.60
CA CYS A 292 -6.77 -1.20 0.42
C CYS A 292 -6.36 -1.30 -1.06
N LEU A 293 -5.77 -0.21 -1.56
CA LEU A 293 -5.40 -0.13 -2.97
C LEU A 293 -3.94 -0.57 -3.16
N HIS A 294 -3.73 -1.60 -3.99
CA HIS A 294 -2.40 -2.12 -4.26
C HIS A 294 -2.00 -1.82 -5.72
N GLU A 295 -0.80 -1.29 -5.93
CA GLU A 295 -0.36 -0.87 -7.28
C GLU A 295 -0.58 -1.95 -8.33
N LYS A 296 -0.18 -3.17 -8.00
CA LYS A 296 -0.47 -4.33 -8.84
C LYS A 296 -1.90 -4.83 -8.57
N TYR A 297 -2.06 -5.75 -7.61
CA TYR A 297 -3.36 -6.36 -7.27
C TYR A 297 -4.59 -5.41 -7.25
N GLY A 298 -4.37 -4.13 -7.01
CA GLY A 298 -5.45 -3.14 -7.10
C GLY A 298 -6.42 -3.22 -5.94
N GLY A 299 -7.64 -2.76 -6.16
CA GLY A 299 -8.70 -2.88 -5.16
C GLY A 299 -8.59 -4.25 -4.52
N LEU A 300 -8.48 -4.27 -3.20
CA LEU A 300 -8.22 -5.50 -2.46
C LEU A 300 -8.55 -5.30 -0.98
N ASN A 301 -9.40 -6.17 -0.45
CA ASN A 301 -9.86 -6.03 0.92
C ASN A 301 -9.26 -7.06 1.86
N LYS A 302 -8.96 -6.61 3.07
CA LYS A 302 -8.16 -7.39 4.00
C LYS A 302 -8.93 -8.58 4.53
N SER A 303 -8.35 -9.77 4.37
CA SER A 303 -8.89 -10.99 4.94
C SER A 303 -7.92 -11.50 6.02
N LYS A 304 -6.69 -11.79 5.60
CA LYS A 304 -5.65 -12.31 6.48
C LYS A 304 -4.62 -11.21 6.75
N PRO A 305 -3.86 -11.32 7.85
CA PRO A 305 -2.99 -10.22 8.24
C PRO A 305 -1.80 -9.99 7.28
N TYR A 306 -1.32 -11.06 6.66
CA TYR A 306 -0.19 -10.99 5.75
C TYR A 306 -0.58 -11.44 4.35
N TYR A 307 0.20 -11.02 3.36
CA TYR A 307 -0.02 -11.44 1.98
C TYR A 307 1.29 -11.81 1.30
N THR A 308 1.19 -12.79 0.39
CA THR A 308 2.27 -13.18 -0.48
C THR A 308 1.99 -12.60 -1.85
N GLY A 309 3.05 -12.44 -2.64
CA GLY A 309 2.93 -11.96 -4.01
C GLY A 309 4.01 -10.98 -4.42
N GLU A 310 3.61 -10.01 -5.24
CA GLU A 310 4.49 -8.93 -5.66
C GLU A 310 4.35 -7.79 -4.68
N HIS A 311 5.48 -7.36 -4.12
CA HIS A 311 5.48 -6.17 -3.30
C HIS A 311 5.23 -4.97 -4.20
N ALA A 312 4.54 -3.98 -3.66
CA ALA A 312 4.29 -2.73 -4.36
C ALA A 312 3.70 -1.74 -3.38
N LYS A 313 3.71 -0.48 -3.77
CA LYS A 313 3.13 0.56 -2.96
C LYS A 313 1.66 0.24 -2.79
N ALA A 314 1.14 0.46 -1.58
CA ALA A 314 -0.28 0.27 -1.31
C ALA A 314 -0.73 1.20 -0.18
N ILE A 315 -1.95 1.71 -0.29
CA ILE A 315 -2.51 2.63 0.69
C ILE A 315 -3.79 2.07 1.28
N GLY A 316 -4.15 2.55 2.47
CA GLY A 316 -5.36 2.12 3.15
C GLY A 316 -5.12 1.04 4.18
N ASN A 317 -6.15 0.27 4.51
CA ASN A 317 -6.03 -0.80 5.50
C ASN A 317 -5.50 -2.10 4.87
N CYS A 318 -4.18 -2.17 4.70
CA CYS A 318 -3.56 -3.22 3.91
C CYS A 318 -2.97 -4.36 4.73
N PRO A 319 -2.97 -5.57 4.14
CA PRO A 319 -2.22 -6.65 4.75
C PRO A 319 -0.74 -6.36 4.51
N ILE A 320 0.13 -6.83 5.39
CA ILE A 320 1.55 -6.56 5.19
C ILE A 320 2.23 -7.72 4.42
N TRP A 321 3.07 -7.34 3.47
CA TRP A 321 3.78 -8.26 2.60
C TRP A 321 4.76 -9.13 3.38
N VAL A 322 4.99 -10.34 2.88
CA VAL A 322 5.79 -11.35 3.56
C VAL A 322 6.44 -12.28 2.52
N LYS A 323 7.70 -12.64 2.74
CA LYS A 323 8.53 -13.33 1.71
C LYS A 323 7.96 -14.66 1.27
N THR A 324 7.29 -15.32 2.20
CA THR A 324 6.95 -16.73 2.07
C THR A 324 5.58 -16.93 2.71
N PRO A 325 4.83 -17.96 2.27
CA PRO A 325 3.54 -18.16 2.93
C PRO A 325 3.75 -18.59 4.38
N LEU A 326 3.02 -17.97 5.30
CA LEU A 326 3.22 -18.22 6.72
C LEU A 326 1.96 -18.82 7.33
N LYS A 327 2.15 -19.84 8.16
CA LYS A 327 1.05 -20.57 8.79
C LYS A 327 1.24 -20.57 10.29
N LEU A 328 0.14 -20.52 11.02
CA LEU A 328 0.16 -20.60 12.47
C LEU A 328 -0.26 -22.00 12.89
N ALA A 329 0.63 -22.70 13.60
CA ALA A 329 0.36 -24.07 14.05
C ALA A 329 -0.88 -24.08 14.92
N ASN A 330 -1.88 -24.83 14.49
CA ASN A 330 -3.11 -25.01 15.24
C ASN A 330 -3.34 -26.49 15.43
N GLY A 331 -2.54 -27.09 16.29
CA GLY A 331 -2.60 -28.52 16.55
C GLY A 331 -1.37 -29.06 17.24
N THR A 332 -0.98 -30.28 16.84
CA THR A 332 0.05 -31.06 17.52
C THR A 332 1.09 -31.52 16.51
N LYS A 333 2.36 -31.52 16.93
CA LYS A 333 3.43 -32.08 16.12
C LYS A 333 3.08 -33.52 15.75
N TYR A 334 3.37 -33.90 14.50
CA TYR A 334 3.04 -35.24 14.00
C TYR A 334 3.73 -36.31 14.84
N ARG A 335 2.94 -37.25 15.35
CA ARG A 335 3.45 -38.46 15.99
C ARG A 335 2.96 -39.68 15.23
N PRO A 336 3.84 -40.67 14.99
CA PRO A 336 3.36 -41.87 14.32
C PRO A 336 2.43 -42.63 15.25
N PRO A 337 1.47 -43.41 14.68
CA PRO A 337 0.57 -44.19 15.51
C PRO A 337 1.34 -45.22 16.32
N ALA A 338 0.89 -45.51 17.53
CA ALA A 338 1.70 -46.27 18.46
C ALA A 338 1.15 -47.67 18.76
N LYS A 339 1.95 -48.68 18.42
CA LYS A 339 1.96 -49.94 19.15
C LYS A 339 3.40 -50.24 19.64
N LEU A 340 4.30 -49.25 19.59
CA LEU A 340 5.64 -49.42 20.17
C LEU A 340 5.57 -49.32 21.70
N LEU A 341 4.64 -50.10 22.24
CA LEU A 341 4.35 -50.18 23.65
C LEU A 341 4.22 -51.64 24.00
N LYS A 342 4.42 -51.94 25.28
CA LYS A 342 4.21 -53.28 25.79
C LYS A 342 3.30 -53.19 27.01
N GLY B 1 8.47 -34.11 23.03
CA GLY B 1 9.67 -33.32 22.62
C GLY B 1 10.92 -33.77 23.36
N PHE B 2 11.86 -32.84 23.55
CA PHE B 2 13.11 -33.16 24.25
C PHE B 2 12.84 -33.62 25.68
N PHE B 3 11.73 -33.16 26.27
CA PHE B 3 11.33 -33.62 27.59
C PHE B 3 10.86 -35.06 27.52
N GLY B 4 9.87 -35.32 26.67
CA GLY B 4 9.30 -36.65 26.51
C GLY B 4 10.31 -37.73 26.15
N ALA B 5 11.33 -37.35 25.37
CA ALA B 5 12.40 -38.27 24.99
C ALA B 5 13.26 -38.67 26.19
N ILE B 6 13.75 -37.68 26.93
CA ILE B 6 14.60 -37.94 28.09
C ILE B 6 13.80 -38.62 29.19
N ALA B 7 12.77 -37.95 29.67
CA ALA B 7 11.87 -38.51 30.67
C ALA B 7 10.95 -39.50 29.98
N GLY B 8 11.46 -40.71 29.72
CA GLY B 8 10.79 -41.71 28.87
C GLY B 8 9.27 -41.69 28.72
N PHE B 9 8.72 -40.64 28.12
CA PHE B 9 7.33 -40.67 27.67
C PHE B 9 7.29 -41.47 26.38
N LEU B 10 6.10 -41.76 25.90
CA LEU B 10 5.92 -42.43 24.63
C LEU B 10 5.74 -41.38 23.54
N GLU B 11 6.65 -41.33 22.56
CA GLU B 11 6.41 -40.57 21.33
C GLU B 11 5.43 -41.40 20.52
N GLY B 12 4.19 -41.43 21.00
CA GLY B 12 3.20 -42.35 20.50
C GLY B 12 1.94 -41.59 20.23
N GLY B 13 1.61 -41.51 18.95
CA GLY B 13 0.33 -41.03 18.56
C GLY B 13 -0.68 -42.11 18.89
N TRP B 14 -1.85 -41.70 19.33
CA TRP B 14 -2.96 -42.59 19.55
C TRP B 14 -4.06 -42.18 18.59
N GLU B 15 -3.98 -42.65 17.35
CA GLU B 15 -5.07 -42.49 16.40
C GLU B 15 -6.26 -43.13 17.09
N GLY B 16 -7.40 -42.45 17.13
CA GLY B 16 -8.56 -43.00 17.82
C GLY B 16 -9.22 -41.97 18.72
N MET B 17 -8.42 -41.18 19.43
CA MET B 17 -8.95 -39.97 20.05
C MET B 17 -9.29 -38.98 18.93
N ILE B 18 -10.47 -39.19 18.35
CA ILE B 18 -11.02 -38.40 17.26
C ILE B 18 -11.24 -36.96 17.71
N ALA B 19 -11.59 -36.78 18.97
CA ALA B 19 -11.86 -35.46 19.50
C ALA B 19 -10.54 -34.76 19.85
N GLY B 20 -10.25 -34.67 21.14
CA GLY B 20 -9.10 -33.91 21.61
C GLY B 20 -7.76 -34.27 21.00
N TRP B 21 -6.80 -33.39 21.26
CA TRP B 21 -5.41 -33.63 20.87
C TRP B 21 -4.74 -34.43 21.97
N HIS B 22 -5.08 -34.13 23.22
CA HIS B 22 -4.43 -34.78 24.38
C HIS B 22 -5.46 -35.40 25.29
N GLY B 23 -5.11 -36.55 25.86
CA GLY B 23 -5.98 -37.19 26.81
C GLY B 23 -5.29 -38.37 27.47
N TYR B 24 -6.10 -39.36 27.82
CA TYR B 24 -5.62 -40.50 28.57
C TYR B 24 -5.73 -41.79 27.77
N THR B 25 -4.80 -42.71 28.02
CA THR B 25 -4.89 -44.07 27.52
C THR B 25 -5.28 -44.92 28.72
N SER B 26 -5.37 -46.23 28.55
CA SER B 26 -5.75 -47.13 29.66
C SER B 26 -5.48 -48.58 29.29
N HIS B 27 -4.74 -49.29 30.13
CA HIS B 27 -4.12 -50.56 29.74
C HIS B 27 -4.38 -51.72 30.69
N GLY B 28 -4.98 -52.79 30.18
CA GLY B 28 -5.15 -54.01 30.97
C GLY B 28 -5.84 -55.15 30.24
N ALA B 29 -6.39 -56.09 31.00
CA ALA B 29 -7.15 -57.22 30.45
C ALA B 29 -8.05 -56.80 29.28
N HIS B 30 -8.72 -55.66 29.44
CA HIS B 30 -9.57 -55.08 28.39
C HIS B 30 -8.78 -54.67 27.13
N GLY B 31 -7.46 -54.62 27.23
CA GLY B 31 -6.60 -54.20 26.12
C GLY B 31 -6.06 -52.80 26.35
N VAL B 32 -6.31 -51.91 25.39
CA VAL B 32 -5.93 -50.49 25.50
C VAL B 32 -7.15 -49.61 25.27
N ALA B 33 -7.50 -48.81 26.28
CA ALA B 33 -8.54 -47.79 26.12
C ALA B 33 -7.91 -46.45 25.78
N VAL B 34 -8.70 -45.57 25.19
CA VAL B 34 -8.24 -44.25 24.77
C VAL B 34 -9.32 -43.22 25.03
N ALA B 35 -8.89 -42.05 25.52
CA ALA B 35 -9.78 -40.94 25.83
C ALA B 35 -9.06 -39.64 25.51
N ALA B 36 -9.85 -38.56 25.41
CA ALA B 36 -9.32 -37.25 25.08
C ALA B 36 -9.91 -36.26 26.07
N ASP B 37 -9.06 -35.50 26.75
CA ASP B 37 -9.54 -34.54 27.73
C ASP B 37 -10.07 -33.32 26.98
N LEU B 38 -11.34 -33.00 27.21
CA LEU B 38 -11.99 -31.84 26.57
C LEU B 38 -11.89 -30.59 27.46
N LYS B 39 -10.65 -30.14 27.62
CA LYS B 39 -10.30 -28.96 28.41
C LYS B 39 -8.84 -28.63 28.16
N SER B 40 -8.02 -29.66 28.09
CA SER B 40 -6.67 -29.52 27.59
C SER B 40 -6.70 -29.06 26.14
N THR B 41 -7.65 -29.58 25.36
CA THR B 41 -7.72 -29.26 23.93
C THR B 41 -8.38 -27.90 23.65
N GLN B 42 -9.39 -27.53 24.43
CA GLN B 42 -10.01 -26.21 24.31
C GLN B 42 -9.12 -25.14 24.90
N GLU B 43 -8.25 -25.53 25.83
CA GLU B 43 -7.28 -24.57 26.35
C GLU B 43 -6.16 -24.38 25.33
N ALA B 44 -5.76 -25.44 24.65
CA ALA B 44 -4.78 -25.34 23.57
C ALA B 44 -5.35 -24.51 22.39
N ILE B 45 -6.57 -24.83 21.98
CA ILE B 45 -7.25 -24.08 20.90
C ILE B 45 -7.44 -22.59 21.21
N ASN B 46 -7.60 -22.24 22.49
CA ASN B 46 -7.73 -20.84 22.87
C ASN B 46 -6.40 -20.11 22.74
N LYS B 47 -5.35 -20.65 23.35
CA LYS B 47 -4.00 -20.09 23.22
C LYS B 47 -3.72 -19.71 21.78
N ILE B 48 -3.78 -20.69 20.89
CA ILE B 48 -3.56 -20.47 19.48
C ILE B 48 -4.40 -19.31 18.96
N THR B 49 -5.69 -19.27 19.32
CA THR B 49 -6.56 -18.20 18.84
C THR B 49 -6.04 -16.83 19.22
N LYS B 50 -5.69 -16.66 20.49
CA LYS B 50 -5.14 -15.37 20.96
C LYS B 50 -3.84 -15.02 20.24
N ASN B 51 -2.93 -15.99 20.16
CA ASN B 51 -1.68 -15.78 19.43
C ASN B 51 -1.95 -15.23 18.02
N LEU B 52 -2.97 -15.78 17.36
CA LEU B 52 -3.45 -15.29 16.06
C LEU B 52 -3.88 -13.83 16.13
N ASN B 53 -4.55 -13.45 17.21
CA ASN B 53 -4.98 -12.06 17.41
C ASN B 53 -3.81 -11.12 17.67
N SER B 54 -2.88 -11.56 18.50
CA SER B 54 -1.62 -10.85 18.70
C SER B 54 -0.89 -10.65 17.38
N LEU B 55 -0.67 -11.74 16.64
CA LEU B 55 0.01 -11.65 15.33
C LEU B 55 -0.69 -10.72 14.35
N SER B 56 -2.00 -10.54 14.51
CA SER B 56 -2.78 -9.72 13.58
C SER B 56 -2.99 -8.27 14.02
N GLU B 57 -2.30 -7.82 15.08
CA GLU B 57 -2.39 -6.43 15.55
C GLU B 57 -1.36 -5.54 14.88
N LEU B 58 -0.18 -6.09 14.59
CA LEU B 58 0.92 -5.31 14.00
C LEU B 58 0.46 -4.34 12.91
N GLU B 59 0.63 -3.05 13.19
CA GLU B 59 0.40 -2.00 12.21
C GLU B 59 1.74 -1.46 11.69
N VAL B 60 1.78 -1.18 10.39
CA VAL B 60 3.00 -0.78 9.69
C VAL B 60 2.62 0.32 8.70
N LYS B 61 3.36 1.44 8.69
CA LYS B 61 2.97 2.58 7.84
C LYS B 61 2.71 2.18 6.38
N ASN B 62 1.85 2.94 5.71
CA ASN B 62 1.26 2.54 4.44
C ASN B 62 2.25 2.25 3.31
N LEU B 63 3.17 3.19 3.05
CA LEU B 63 4.18 3.07 1.98
C LEU B 63 3.63 3.46 0.60
N GLN B 64 3.73 4.74 0.26
CA GLN B 64 3.13 5.30 -0.97
C GLN B 64 4.14 6.11 -1.79
N ARG B 65 3.63 6.76 -2.85
CA ARG B 65 4.44 7.59 -3.75
C ARG B 65 4.96 8.88 -3.12
N LEU B 66 6.12 9.34 -3.57
CA LEU B 66 6.66 10.62 -3.16
C LEU B 66 5.88 11.71 -3.87
N SER B 67 5.41 12.69 -3.10
CA SER B 67 4.49 13.72 -3.59
C SER B 67 5.14 14.67 -4.59
N GLY B 68 6.38 15.08 -4.30
CA GLY B 68 7.07 16.07 -5.12
C GLY B 68 8.05 15.49 -6.13
N ALA B 69 8.13 14.17 -6.21
CA ALA B 69 9.10 13.52 -7.08
C ALA B 69 8.44 13.05 -8.36
N MET B 70 8.89 13.62 -9.48
CA MET B 70 8.18 13.48 -10.75
C MET B 70 8.82 12.46 -11.70
N ASP B 71 7.92 11.77 -12.39
CA ASP B 71 8.16 10.48 -13.02
C ASP B 71 9.26 10.47 -14.09
N GLU B 72 9.55 11.63 -14.68
CA GLU B 72 10.61 11.75 -15.69
C GLU B 72 11.78 12.67 -15.28
N LEU B 73 11.56 13.53 -14.28
CA LEU B 73 12.54 14.55 -13.91
C LEU B 73 13.41 14.16 -12.72
N HIS B 74 12.88 13.32 -11.84
CA HIS B 74 13.57 12.96 -10.60
C HIS B 74 13.79 11.44 -10.48
N ASN B 75 14.33 10.83 -11.53
CA ASN B 75 14.41 9.36 -11.59
C ASN B 75 15.42 8.78 -10.61
N GLU B 76 16.51 9.52 -10.37
CA GLU B 76 17.52 9.14 -9.37
C GLU B 76 17.00 9.18 -7.93
N ILE B 77 16.07 10.08 -7.64
CA ILE B 77 15.37 10.08 -6.35
C ILE B 77 14.41 8.91 -6.30
N LEU B 78 13.57 8.82 -7.34
CA LEU B 78 12.57 7.77 -7.44
C LEU B 78 13.20 6.37 -7.31
N GLU B 79 14.40 6.19 -7.84
CA GLU B 79 15.12 4.94 -7.67
C GLU B 79 15.41 4.67 -6.20
N LEU B 80 15.95 5.67 -5.49
CA LEU B 80 16.24 5.54 -4.07
C LEU B 80 14.97 5.31 -3.26
N ASP B 81 13.83 5.80 -3.76
CA ASP B 81 12.53 5.48 -3.16
C ASP B 81 12.09 4.03 -3.39
N GLU B 82 12.34 3.49 -4.58
CA GLU B 82 12.17 2.05 -4.82
C GLU B 82 13.02 1.23 -3.86
N LYS B 83 14.27 1.64 -3.66
CA LYS B 83 15.17 0.91 -2.78
C LYS B 83 14.62 0.95 -1.38
N VAL B 84 14.23 2.14 -0.93
CA VAL B 84 13.64 2.27 0.42
C VAL B 84 12.43 1.37 0.60
N ASP B 85 11.48 1.42 -0.34
CA ASP B 85 10.29 0.57 -0.29
C ASP B 85 10.65 -0.91 -0.15
N ASP B 86 11.61 -1.37 -0.98
CA ASP B 86 12.09 -2.77 -0.98
C ASP B 86 12.73 -3.20 0.33
N LEU B 87 13.60 -2.34 0.86
CA LEU B 87 14.28 -2.64 2.11
C LEU B 87 13.28 -2.63 3.27
N ARG B 88 12.27 -1.76 3.23
CA ARG B 88 11.24 -1.80 4.28
C ARG B 88 10.52 -3.15 4.25
N ALA B 89 9.88 -3.42 3.12
CA ALA B 89 9.23 -4.70 2.85
C ALA B 89 10.05 -5.89 3.34
N ASP B 90 11.35 -5.86 3.07
CA ASP B 90 12.23 -6.95 3.47
C ASP B 90 12.42 -7.05 4.98
N THR B 91 12.73 -5.92 5.62
CA THR B 91 12.99 -5.87 7.06
C THR B 91 11.80 -6.36 7.89
N ILE B 92 10.64 -5.78 7.61
CA ILE B 92 9.43 -6.12 8.36
C ILE B 92 9.02 -7.56 8.08
N SER B 93 9.11 -7.98 6.82
CA SER B 93 8.86 -9.37 6.49
C SER B 93 9.71 -10.29 7.35
N SER B 94 10.99 -9.97 7.50
CA SER B 94 11.89 -10.83 8.28
C SER B 94 11.54 -10.83 9.76
N GLN B 95 11.10 -9.67 10.26
CA GLN B 95 10.58 -9.56 11.62
C GLN B 95 9.31 -10.38 11.83
N ILE B 96 8.39 -10.32 10.85
CA ILE B 96 7.14 -11.08 10.90
C ILE B 96 7.42 -12.58 10.92
N GLU B 97 8.29 -13.03 10.01
CA GLU B 97 8.82 -14.40 10.03
C GLU B 97 9.36 -14.83 11.39
N LEU B 98 10.02 -13.91 12.09
CA LEU B 98 10.56 -14.23 13.42
C LEU B 98 9.45 -14.33 14.44
N ALA B 99 8.50 -13.40 14.38
CA ALA B 99 7.40 -13.40 15.35
C ALA B 99 6.67 -14.74 15.27
N VAL B 100 6.31 -15.15 14.06
CA VAL B 100 5.59 -16.40 13.84
C VAL B 100 6.40 -17.64 14.26
N LEU B 101 7.68 -17.65 13.92
CA LEU B 101 8.56 -18.73 14.32
C LEU B 101 8.51 -18.94 15.84
N LEU B 102 8.77 -17.89 16.60
CA LEU B 102 8.68 -17.95 18.06
C LEU B 102 7.29 -18.45 18.47
N SER B 103 6.26 -17.91 17.84
CA SER B 103 4.88 -18.32 18.09
C SER B 103 4.72 -19.83 17.92
N ASN B 104 5.11 -20.33 16.74
CA ASN B 104 5.05 -21.75 16.42
C ASN B 104 5.79 -22.61 17.45
N GLU B 105 7.08 -22.31 17.65
CA GLU B 105 7.92 -23.04 18.62
C GLU B 105 7.17 -23.17 19.95
N GLY B 106 6.62 -22.06 20.41
CA GLY B 106 5.86 -22.02 21.65
C GLY B 106 4.67 -22.95 21.60
N ILE B 107 3.81 -22.79 20.59
CA ILE B 107 2.62 -23.63 20.46
C ILE B 107 3.02 -25.11 20.44
N ILE B 108 4.01 -25.45 19.62
CA ILE B 108 4.49 -26.83 19.56
C ILE B 108 5.03 -27.32 20.91
N ASN B 109 6.05 -26.64 21.45
CA ASN B 109 6.64 -27.01 22.76
C ASN B 109 5.65 -27.12 23.93
N SER B 110 4.53 -26.39 23.87
CA SER B 110 3.51 -26.42 24.94
C SER B 110 2.92 -27.81 25.20
N GLU B 111 2.80 -28.63 24.16
CA GLU B 111 2.11 -29.92 24.28
C GLU B 111 2.60 -30.72 25.50
N ASP B 112 3.91 -30.80 25.68
CA ASP B 112 4.47 -31.57 26.80
C ASP B 112 4.06 -30.98 28.14
N GLU B 113 3.73 -29.69 28.17
CA GLU B 113 3.17 -29.07 29.37
C GLU B 113 1.72 -29.49 29.61
N HIS B 114 0.92 -29.55 28.54
CA HIS B 114 -0.45 -30.08 28.64
C HIS B 114 -0.44 -31.48 29.23
N LEU B 115 0.43 -32.33 28.68
CA LEU B 115 0.59 -33.71 29.12
C LEU B 115 0.93 -33.76 30.61
N LEU B 116 1.83 -32.86 31.01
CA LEU B 116 2.30 -32.80 32.40
C LEU B 116 1.18 -32.27 33.29
N ALA B 117 0.37 -31.36 32.77
CA ALA B 117 -0.83 -30.89 33.48
C ALA B 117 -1.87 -32.01 33.59
N LEU B 118 -2.28 -32.56 32.45
CA LEU B 118 -3.20 -33.71 32.42
C LEU B 118 -2.84 -34.78 33.43
N GLU B 119 -1.54 -35.05 33.56
CA GLU B 119 -1.04 -36.06 34.48
C GLU B 119 -1.32 -35.73 35.94
N ARG B 120 -1.28 -34.45 36.29
CA ARG B 120 -1.55 -34.02 37.66
C ARG B 120 -3.04 -34.08 37.98
N LYS B 121 -3.87 -33.71 36.99
CA LYS B 121 -5.31 -33.91 37.08
C LYS B 121 -5.65 -35.38 37.39
N LEU B 122 -4.91 -36.31 36.77
CA LEU B 122 -5.06 -37.75 37.00
C LEU B 122 -4.60 -38.21 38.38
N LYS B 123 -3.36 -37.86 38.76
CA LYS B 123 -2.84 -38.21 40.09
C LYS B 123 -3.84 -37.89 41.20
N LYS B 124 -4.50 -36.74 41.12
CA LYS B 124 -5.49 -36.37 42.14
C LYS B 124 -6.66 -37.34 42.16
N MET B 125 -7.33 -37.49 41.02
CA MET B 125 -8.58 -38.24 41.02
C MET B 125 -8.43 -39.77 41.07
N LEU B 126 -7.22 -40.28 40.82
CA LEU B 126 -6.96 -41.72 41.03
C LEU B 126 -6.75 -42.04 42.50
N GLY B 127 -6.49 -41.01 43.31
CA GLY B 127 -6.40 -41.16 44.76
C GLY B 127 -5.01 -41.58 45.23
N PRO B 128 -4.83 -41.73 46.55
CA PRO B 128 -3.52 -42.06 47.13
C PRO B 128 -3.11 -43.52 46.97
N SER B 129 -4.03 -44.40 46.58
CA SER B 129 -3.71 -45.83 46.41
C SER B 129 -2.91 -46.11 45.13
N ALA B 130 -2.96 -45.17 44.18
CA ALA B 130 -2.25 -45.30 42.90
C ALA B 130 -0.76 -45.10 43.09
N VAL B 131 0.00 -45.45 42.05
CA VAL B 131 1.45 -45.31 42.06
C VAL B 131 1.93 -44.58 40.81
N ASP B 132 2.51 -43.40 41.01
CA ASP B 132 3.06 -42.58 39.92
C ASP B 132 4.39 -43.20 39.51
N ILE B 133 4.54 -43.48 38.21
CA ILE B 133 5.74 -44.12 37.70
C ILE B 133 6.83 -43.12 37.38
N GLY B 134 6.46 -42.01 36.73
CA GLY B 134 7.40 -41.05 36.14
C GLY B 134 7.14 -40.95 34.65
N ASN B 135 6.64 -42.05 34.09
CA ASN B 135 6.17 -42.14 32.70
C ASN B 135 5.10 -41.14 32.23
N GLY B 136 4.39 -40.52 33.16
CA GLY B 136 3.12 -39.87 32.85
C GLY B 136 1.98 -40.88 33.01
N CYS B 137 2.28 -41.99 33.71
CA CYS B 137 1.36 -43.12 33.88
C CYS B 137 1.24 -43.51 35.33
N PHE B 138 0.18 -44.26 35.61
CA PHE B 138 -0.12 -44.68 36.97
C PHE B 138 -0.47 -46.15 37.06
N GLU B 139 0.14 -46.82 38.03
CA GLU B 139 -0.23 -48.18 38.39
C GLU B 139 -1.40 -48.07 39.38
N THR B 140 -2.55 -48.65 39.00
CA THR B 140 -3.73 -48.60 39.85
C THR B 140 -4.05 -49.98 40.46
N LYS B 141 -4.77 -49.98 41.56
CA LYS B 141 -5.19 -51.20 42.26
C LYS B 141 -6.53 -51.74 41.75
N HIS B 142 -7.03 -51.16 40.66
CA HIS B 142 -8.32 -51.51 40.08
C HIS B 142 -8.27 -51.49 38.55
N LYS B 143 -9.25 -52.15 37.92
CA LYS B 143 -9.34 -52.19 36.46
C LYS B 143 -9.89 -50.88 35.96
N CYS B 144 -9.51 -50.47 34.75
CA CYS B 144 -10.08 -49.27 34.13
C CYS B 144 -10.40 -49.45 32.66
N ASN B 145 -11.62 -49.90 32.37
CA ASN B 145 -12.07 -50.04 30.99
C ASN B 145 -12.60 -48.71 30.44
N GLN B 146 -13.07 -48.72 29.19
CA GLN B 146 -13.48 -47.48 28.51
C GLN B 146 -14.44 -46.59 29.30
N THR B 147 -15.34 -47.19 30.07
CA THR B 147 -16.32 -46.41 30.83
C THR B 147 -15.63 -45.70 32.00
N CYS B 148 -14.72 -46.40 32.66
CA CYS B 148 -13.86 -45.82 33.69
C CYS B 148 -12.99 -44.68 33.13
N LEU B 149 -12.33 -44.94 31.99
CA LEU B 149 -11.45 -43.96 31.37
C LEU B 149 -12.20 -42.71 30.94
N ASP B 150 -13.36 -42.91 30.31
CA ASP B 150 -14.22 -41.81 29.89
C ASP B 150 -14.62 -40.92 31.04
N ARG B 151 -14.72 -41.50 32.24
CA ARG B 151 -15.04 -40.75 33.45
C ARG B 151 -13.86 -39.95 34.02
N ILE B 152 -12.64 -40.31 33.61
CA ILE B 152 -11.44 -39.56 33.99
C ILE B 152 -11.27 -38.35 33.08
N ALA B 153 -11.60 -38.53 31.80
CA ALA B 153 -11.57 -37.44 30.83
C ALA B 153 -12.66 -36.41 31.13
N ALA B 154 -13.78 -36.86 31.65
CA ALA B 154 -14.89 -35.97 32.03
C ALA B 154 -14.65 -35.29 33.39
N GLY B 155 -13.74 -35.83 34.19
CA GLY B 155 -13.51 -35.33 35.56
C GLY B 155 -14.58 -35.79 36.53
N THR B 156 -15.29 -36.86 36.17
CA THR B 156 -16.44 -37.36 36.93
C THR B 156 -16.13 -38.75 37.50
N PHE B 157 -14.94 -38.90 38.07
CA PHE B 157 -14.45 -40.20 38.51
C PHE B 157 -14.39 -40.26 40.02
N ASN B 158 -14.61 -41.45 40.58
CA ASN B 158 -14.47 -41.66 42.02
C ASN B 158 -13.76 -42.97 42.36
N ALA B 159 -12.49 -42.87 42.77
CA ALA B 159 -11.81 -43.98 43.40
C ALA B 159 -12.51 -44.16 44.73
N GLY B 160 -13.41 -45.14 44.79
CA GLY B 160 -14.42 -45.19 45.83
C GLY B 160 -15.69 -45.75 45.23
N GLU B 161 -15.85 -45.51 43.94
CA GLU B 161 -16.74 -46.29 43.11
C GLU B 161 -16.32 -47.75 43.25
N PHE B 162 -14.99 -47.95 43.21
CA PHE B 162 -14.34 -49.22 43.52
C PHE B 162 -13.66 -48.97 44.86
N SER B 163 -14.15 -49.58 45.93
CA SER B 163 -13.79 -49.22 47.32
C SER B 163 -12.30 -48.93 47.58
N LEU B 164 -11.85 -47.74 47.19
CA LEU B 164 -10.47 -47.28 47.43
C LEU B 164 -10.51 -45.85 47.99
N PRO B 165 -9.41 -45.38 48.60
CA PRO B 165 -9.40 -44.01 49.17
C PRO B 165 -9.59 -42.89 48.16
N THR B 166 -9.72 -41.67 48.67
CA THR B 166 -9.99 -40.50 47.83
C THR B 166 -9.51 -39.21 48.48
N PHE B 167 -9.14 -38.25 47.66
CA PHE B 167 -8.82 -36.91 48.13
C PHE B 167 -10.07 -36.04 48.05
N ASP B 168 -10.47 -35.45 49.17
CA ASP B 168 -11.72 -34.70 49.26
C ASP B 168 -11.50 -33.20 49.34
N SER B 169 -12.33 -32.48 48.59
CA SER B 169 -12.09 -31.07 48.32
C SER B 169 -12.35 -30.16 49.49
C1 NAG C . 3.95 -33.73 6.45
C2 NAG C . 3.31 -35.01 5.89
C3 NAG C . 4.07 -35.45 4.64
C4 NAG C . 4.01 -34.33 3.60
C5 NAG C . 4.49 -33.01 4.22
C6 NAG C . 4.20 -31.77 3.38
C7 NAG C . 4.19 -36.70 7.46
C8 NAG C . 3.84 -37.82 8.39
N2 NAG C . 3.17 -36.07 6.89
O3 NAG C . 3.51 -36.61 4.07
O4 NAG C . 4.79 -34.77 2.50
O5 NAG C . 3.80 -32.77 5.43
O6 NAG C . 3.95 -30.64 4.19
O7 NAG C . 5.38 -36.42 7.26
C1 NAG C . 4.37 -34.12 1.29
C2 NAG C . 5.54 -33.76 0.38
C3 NAG C . 4.99 -32.76 -0.64
C4 NAG C . 3.68 -33.24 -1.28
C5 NAG C . 2.71 -33.92 -0.31
C6 NAG C . 1.58 -34.68 -1.01
C7 NAG C . 7.75 -32.72 0.64
C8 NAG C . 8.48 -31.70 1.46
N2 NAG C . 6.63 -33.21 1.17
O3 NAG C . 5.93 -32.57 -1.68
O4 NAG C . 3.04 -32.12 -1.85
O5 NAG C . 3.43 -34.83 0.52
O6 NAG C . 1.36 -34.21 -2.32
O7 NAG C . 8.17 -33.07 -0.46
C1 NAG D . -6.35 38.69 -15.93
C2 NAG D . -6.18 38.29 -17.39
C3 NAG D . -7.16 38.94 -18.36
C4 NAG D . -8.58 38.66 -17.87
C5 NAG D . -8.67 38.98 -16.37
C6 NAG D . -10.03 38.56 -15.81
C7 NAG D . -4.43 39.37 -18.69
C8 NAG D . -4.14 38.76 -20.03
N2 NAG D . -4.80 38.50 -17.77
O3 NAG D . -7.01 38.36 -19.63
O4 NAG D . -9.66 39.28 -18.58
O5 NAG D . -7.68 38.33 -15.58
O6 NAG D . -10.01 38.73 -14.41
O7 NAG D . -4.31 40.58 -18.49
C1 NAG D . -9.52 40.15 -19.74
C2 NAG D . -9.56 41.61 -19.28
C3 NAG D . -9.41 42.64 -20.41
C4 NAG D . -8.37 42.21 -21.44
C5 NAG D . -8.56 40.74 -21.80
C6 NAG D . -7.49 40.31 -22.81
C7 NAG D . -12.01 41.90 -19.10
C8 NAG D . -12.74 40.60 -19.30
N2 NAG D . -10.80 41.85 -18.53
O3 NAG D . -9.05 43.89 -19.88
O4 NAG D . -8.48 43.03 -22.60
O5 NAG D . -8.43 39.96 -20.63
O6 NAG D . -7.70 40.92 -24.06
O7 NAG D . -12.54 42.96 -19.46
C1 NAG E . -13.87 -6.01 -0.35
C2 NAG E . -14.67 -6.62 -1.50
C3 NAG E . -15.55 -5.52 -2.09
C4 NAG E . -16.53 -5.08 -1.01
C5 NAG E . -15.84 -4.69 0.29
C6 NAG E . -16.83 -4.72 1.45
C7 NAG E . -12.86 -6.72 -3.17
C8 NAG E . -11.68 -7.60 -3.48
N2 NAG E . -13.84 -7.29 -2.50
O3 NAG E . -16.22 -5.96 -3.25
O4 NAG E . -17.31 -3.98 -1.42
O5 NAG E . -14.73 -5.50 0.65
O6 NAG E . -17.27 -3.42 1.76
O7 NAG E . -12.87 -5.56 -3.56
C1 NAG E . -18.62 -4.34 -1.92
C2 NAG E . -19.75 -3.33 -1.71
C3 NAG E . -21.06 -3.85 -2.30
C4 NAG E . -20.90 -4.70 -3.57
C5 NAG E . -19.65 -5.58 -3.53
C6 NAG E . -19.41 -6.32 -4.83
C7 NAG E . -21.05 -2.87 0.36
C8 NAG E . -21.55 -4.03 1.16
N2 NAG E . -19.88 -3.05 -0.28
O3 NAG E . -21.91 -2.76 -2.58
O4 NAG E . -22.03 -5.52 -3.73
O5 NAG E . -18.57 -4.73 -3.26
O6 NAG E . -19.96 -7.63 -4.76
O7 NAG E . -21.68 -1.81 0.30
C1 NAG F . -7.92 -24.76 14.97
C2 NAG F . -9.07 -23.82 14.69
C3 NAG F . -10.16 -24.16 15.71
C4 NAG F . -10.56 -25.61 15.48
C5 NAG F . -9.34 -26.52 15.53
C6 NAG F . -9.65 -27.96 15.18
C7 NAG F . -8.36 -21.79 15.84
C8 NAG F . -9.17 -20.53 16.05
N2 NAG F . -8.65 -22.44 14.70
O3 NAG F . -11.25 -23.28 15.58
O4 NAG F . -11.44 -26.01 16.50
O5 NAG F . -8.35 -26.05 14.62
O6 NAG F . -8.47 -28.71 14.98
O7 NAG F . -7.51 -22.16 16.65
C1 NAG F . -12.41 -26.99 16.12
C2 NAG F . -12.66 -28.03 17.25
C3 NAG F . -14.12 -28.39 17.55
C4 NAG F . -15.12 -27.39 17.00
C5 NAG F . -14.70 -26.99 15.60
C6 NAG F . -15.72 -26.14 14.86
C7 NAG F . -11.76 -30.09 16.09
C8 NAG F . -12.88 -30.14 15.08
N2 NAG F . -11.85 -29.26 17.15
O3 NAG F . -14.29 -28.54 18.94
O4 NAG F . -16.41 -27.96 16.98
O5 NAG F . -13.54 -26.22 15.77
O6 NAG F . -15.17 -25.75 13.61
O7 NAG F . -10.79 -30.84 15.93
C2 BGC G . 6.69 28.46 -45.31
C3 BGC G . 5.26 28.97 -45.45
C4 BGC G . 5.32 30.49 -45.42
C5 BGC G . 6.19 30.97 -46.58
C6 BGC G . 6.20 32.48 -46.82
C1 BGC G . 7.67 29.13 -46.28
O1 BGC G . 8.99 28.85 -45.88
O2 BGC G . 6.73 27.06 -45.51
O3 BGC G . 4.49 28.52 -44.37
O4 BGC G . 4.09 31.19 -45.27
O5 BGC G . 7.51 30.54 -46.30
O6 BGC G . 6.49 33.15 -45.62
C1 GAL G . 2.83 30.81 -45.87
C2 GAL G . 1.74 30.53 -44.82
C3 GAL G . 0.29 30.79 -45.27
C4 GAL G . 0.20 32.13 -46.00
C5 GAL G . 1.26 32.26 -47.09
C6 GAL G . 1.35 33.70 -47.61
O2 GAL G . 1.87 29.21 -44.33
O3 GAL G . -0.58 30.67 -44.13
O4 GAL G . 0.34 33.19 -45.08
O5 GAL G . 2.55 31.99 -46.60
O6 GAL G . 2.48 33.86 -48.44
C1 NDG G . -1.82 31.44 -44.12
C2 NDG G . -2.26 31.84 -42.70
C3 NDG G . -3.45 31.13 -42.02
C4 NDG G . -4.40 30.49 -43.04
C5 NDG G . -3.61 29.82 -44.18
C6 NDG G . -4.53 29.16 -45.21
C7 NDG G . -0.73 32.85 -41.08
C8 NDG G . 0.05 32.55 -39.85
O5 NDG G . -2.84 30.78 -44.86
O3 NDG G . -4.15 32.07 -41.21
O4 NDG G . -5.19 29.55 -42.36
O6 NDG G . -5.15 30.15 -46.01
O7 NDG G . -1.00 34.02 -41.37
N2 NDG G . -1.12 31.80 -41.79
C1 GAL G . -4.38 31.66 -39.84
C2 GAL G . -4.98 32.81 -39.01
C3 GAL G . -5.23 32.39 -37.57
C4 GAL G . -6.07 31.11 -37.53
C5 GAL G . -5.50 30.05 -38.48
C6 GAL G . -6.42 28.85 -38.59
O2 GAL G . -4.12 33.92 -39.01
O3 GAL G . -5.82 33.42 -36.76
O4 GAL G . -7.41 31.43 -37.84
O5 GAL G . -5.28 30.57 -39.79
O6 GAL G . -5.76 27.86 -39.33
C1 SIA G . -5.22 32.41 -34.62
C2 SIA G . -5.00 33.59 -35.57
C3 SIA G . -5.64 34.86 -34.97
C4 SIA G . -4.83 35.49 -33.83
C5 SIA G . -3.36 35.67 -34.21
C6 SIA G . -2.82 34.32 -34.71
C7 SIA G . -1.36 34.36 -35.15
C8 SIA G . -1.02 33.16 -36.02
C9 SIA G . 0.47 33.07 -36.25
C10 SIA G . -1.81 37.18 -33.04
C11 SIA G . -1.10 37.41 -31.74
N5 SIA G . -2.58 36.09 -33.06
O1A SIA G . -6.40 32.10 -34.34
O1B SIA G . -4.25 31.77 -34.17
O4 SIA G . -5.41 36.77 -33.50
O6 SIA G . -3.61 33.88 -35.82
O7 SIA G . -1.09 35.54 -35.90
O8 SIA G . -1.47 31.94 -35.41
O9 SIA G . 0.78 31.87 -36.97
O10 SIA G . -1.67 37.95 -33.97
C1 NAG H . -15.35 33.82 -25.19
C2 NAG H . -15.56 34.75 -23.97
C3 NAG H . -15.64 36.24 -24.28
C4 NAG H . -14.67 36.64 -25.38
C5 NAG H . -14.88 35.76 -26.60
C6 NAG H . -13.97 36.21 -27.74
C7 NAG H . -17.13 34.85 -22.08
C8 NAG H . -16.14 34.81 -20.94
N2 NAG H . -16.75 34.32 -23.24
O3 NAG H . -15.34 36.99 -23.13
O4 NAG H . -14.88 37.99 -25.71
O5 NAG H . -14.62 34.41 -26.26
O6 NAG H . -13.30 35.11 -28.31
O7 NAG H . -18.24 35.36 -21.90
C1 NAG I . 8.56 51.44 -29.90
C2 NAG I . 8.23 52.94 -29.79
C3 NAG I . 9.45 53.87 -29.72
C4 NAG I . 10.67 53.20 -29.08
C5 NAG I . 10.85 51.83 -29.75
C6 NAG I . 12.17 51.15 -29.40
C7 NAG I . 6.65 54.38 -30.98
C8 NAG I . 6.50 55.03 -32.33
N2 NAG I . 7.42 53.29 -30.95
O3 NAG I . 9.15 55.03 -28.97
O4 NAG I . 11.82 54.01 -29.23
O5 NAG I . 9.76 51.07 -29.27
O6 NAG I . 11.96 49.77 -29.19
O7 NAG I . 6.08 54.83 -29.99
C1 NAG J . -16.80 -51.42 31.37
C2 NAG J . -17.72 -52.06 30.32
C3 NAG J . -19.18 -51.90 30.77
C4 NAG J . -19.37 -52.41 32.21
C5 NAG J . -18.24 -51.94 33.14
C6 NAG J . -18.31 -52.67 34.48
C7 NAG J . -17.14 -52.21 27.93
C8 NAG J . -17.54 -51.66 26.59
N2 NAG J . -17.52 -51.49 28.99
O3 NAG J . -20.03 -52.60 29.88
O4 NAG J . -20.60 -51.97 32.73
O5 NAG J . -16.96 -52.13 32.57
O6 NAG J . -17.44 -52.05 35.38
O7 NAG J . -16.49 -53.25 27.99
#